data_3LD7
#
_entry.id   3LD7
#
_cell.length_a   82.360
_cell.length_b   54.782
_cell.length_c   71.733
_cell.angle_alpha   90.00
_cell.angle_beta   111.60
_cell.angle_gamma   90.00
#
_symmetry.space_group_name_H-M   'C 1 2 1'
#
loop_
_entity.id
_entity.type
_entity.pdbx_description
1 polymer 'Lin0431 protein'
2 water water
#
_entity_poly.entity_id   1
_entity_poly.type   'polypeptide(L)'
_entity_poly.pdbx_seq_one_letter_code
;(MSE)KNTGDEVVAIISQNGKVIREIPLTGHKGNEQFTIKGKGAQYNL(MSE)EVDGERIRIKEDNSPDQVGVK(MSE)G
WKSKAGDTIVCLPHKVFVEIKSTQKLEHHHHHH
;
_entity_poly.pdbx_strand_id   A,B,C
#
# COMPACT_ATOMS: atom_id res chain seq x y z
N GLY A 5 18.75 0.78 -16.26
CA GLY A 5 19.02 -0.32 -15.34
C GLY A 5 17.76 -1.01 -14.86
N ASP A 6 17.88 -1.69 -13.72
CA ASP A 6 16.78 -2.43 -13.15
C ASP A 6 15.79 -1.48 -12.45
N GLU A 7 14.54 -1.88 -12.37
CA GLU A 7 13.54 -1.15 -11.58
C GLU A 7 13.07 -2.07 -10.48
N VAL A 8 13.15 -1.62 -9.23
CA VAL A 8 12.86 -2.48 -8.09
C VAL A 8 11.87 -1.90 -7.09
N VAL A 9 11.22 -2.80 -6.35
CA VAL A 9 10.25 -2.44 -5.33
C VAL A 9 10.63 -3.17 -4.06
N ALA A 10 10.57 -2.48 -2.93
CA ALA A 10 10.80 -3.12 -1.65
C ALA A 10 9.47 -3.48 -1.03
N ILE A 11 9.33 -4.76 -0.67
CA ILE A 11 8.12 -5.26 -0.03
C ILE A 11 8.44 -5.46 1.44
N ILE A 12 7.76 -4.74 2.30
CA ILE A 12 8.02 -4.79 3.74
C ILE A 12 6.82 -5.41 4.45
N SER A 13 7.07 -6.50 5.17
CA SER A 13 6.02 -7.30 5.81
CA SER A 13 6.00 -7.26 5.82
C SER A 13 6.26 -7.47 7.30
N GLN A 14 5.19 -7.73 8.03
CA GLN A 14 5.28 -8.09 9.43
C GLN A 14 4.35 -9.30 9.61
N ASN A 15 4.93 -10.40 10.09
CA ASN A 15 4.25 -11.69 10.16
C ASN A 15 3.60 -12.12 8.83
N GLY A 16 4.33 -11.82 7.76
CA GLY A 16 3.91 -12.16 6.41
C GLY A 16 2.91 -11.22 5.79
N LYS A 17 2.38 -10.32 6.60
CA LYS A 17 1.39 -9.37 6.10
C LYS A 17 2.07 -8.09 5.61
N VAL A 18 1.78 -7.70 4.38
CA VAL A 18 2.51 -6.57 3.78
C VAL A 18 2.05 -5.24 4.38
N ILE A 19 3.03 -4.44 4.81
CA ILE A 19 2.78 -3.13 5.41
C ILE A 19 2.97 -2.06 4.35
N ARG A 20 4.02 -2.17 3.55
CA ARG A 20 4.29 -1.20 2.47
C ARG A 20 4.89 -1.91 1.29
N GLU A 21 4.53 -1.48 0.08
CA GLU A 21 5.30 -1.84 -1.12
C GLU A 21 5.83 -0.52 -1.66
N ILE A 22 7.16 -0.39 -1.71
CA ILE A 22 7.78 0.89 -1.99
C ILE A 22 8.69 0.81 -3.20
N PRO A 23 8.26 1.39 -4.32
CA PRO A 23 9.12 1.44 -5.50
C PRO A 23 10.32 2.32 -5.20
N LEU A 24 11.54 1.77 -5.36
CA LEU A 24 12.74 2.46 -4.92
C LEU A 24 13.33 3.24 -6.06
N THR A 25 13.09 2.77 -7.29
CA THR A 25 13.77 3.35 -8.41
C THR A 25 13.17 4.73 -8.76
N GLY A 26 14.00 5.76 -8.64
CA GLY A 26 13.54 7.13 -8.79
C GLY A 26 13.15 7.79 -7.49
N HIS A 27 13.18 7.04 -6.39
CA HIS A 27 12.89 7.64 -5.10
C HIS A 27 14.01 8.56 -4.63
N LYS A 28 13.66 9.77 -4.21
CA LYS A 28 14.64 10.68 -3.65
C LYS A 28 14.13 11.30 -2.37
N GLY A 29 15.04 11.56 -1.44
CA GLY A 29 14.67 12.04 -0.14
C GLY A 29 14.74 10.91 0.87
N ASN A 30 14.35 11.23 2.10
CA ASN A 30 14.43 10.30 3.21
C ASN A 30 13.07 10.13 3.83
N GLU A 31 12.67 8.89 4.01
CA GLU A 31 11.44 8.59 4.69
C GLU A 31 11.71 7.58 5.76
N GLN A 32 11.14 7.80 6.94
CA GLN A 32 11.23 6.82 8.00
C GLN A 32 9.85 6.44 8.48
N PHE A 33 9.67 5.15 8.77
CA PHE A 33 8.41 4.73 9.37
C PHE A 33 8.70 3.62 10.36
N THR A 34 7.87 3.52 11.40
CA THR A 34 8.08 2.50 12.43
C THR A 34 7.05 1.39 12.33
N ILE A 35 7.54 0.16 12.34
CA ILE A 35 6.67 -1.00 12.45
C ILE A 35 6.61 -1.38 13.91
N LYS A 36 5.41 -1.33 14.47
CA LYS A 36 5.25 -1.61 15.87
C LYS A 36 4.71 -3.01 16.08
N GLY A 37 5.38 -3.72 16.95
CA GLY A 37 4.95 -5.05 17.20
C GLY A 37 4.20 -5.14 18.47
N LYS A 38 4.08 -6.40 18.87
CA LYS A 38 3.61 -6.74 20.17
C LYS A 38 4.56 -6.14 21.20
N GLY A 39 3.97 -5.83 22.32
CA GLY A 39 4.73 -5.36 23.45
C GLY A 39 5.40 -4.06 23.09
N ALA A 40 6.70 -4.02 23.27
CA ALA A 40 7.48 -2.82 22.99
C ALA A 40 8.36 -3.02 21.75
N GLN A 41 8.14 -4.12 21.02
CA GLN A 41 8.93 -4.37 19.83
C GLN A 41 8.71 -3.29 18.77
N TYR A 42 9.81 -2.79 18.20
CA TYR A 42 9.69 -1.90 17.08
C TYR A 42 10.83 -2.09 16.10
N ASN A 43 10.61 -1.63 14.87
CA ASN A 43 11.67 -1.50 13.87
C ASN A 43 11.48 -0.19 13.17
N LEU A 44 12.51 0.64 13.22
CA LEU A 44 12.49 1.93 12.52
C LEU A 44 13.08 1.71 11.14
N MSE A 45 12.22 1.78 10.13
CA MSE A 45 12.60 1.58 8.75
C MSE A 45 13.00 2.90 8.13
O MSE A 45 12.41 3.94 8.45
CB MSE A 45 11.40 1.02 7.96
CG MSE A 45 10.76 -0.20 8.62
SE MSE A 45 11.98 -1.67 8.97
CE MSE A 45 12.77 -1.84 7.17
N GLU A 46 13.96 2.85 7.22
CA GLU A 46 14.44 4.07 6.58
C GLU A 46 14.64 3.80 5.10
N VAL A 47 14.06 4.66 4.28
CA VAL A 47 14.32 4.65 2.85
C VAL A 47 15.04 5.95 2.56
N ASP A 48 16.23 5.85 1.98
CA ASP A 48 16.99 7.02 1.62
C ASP A 48 17.41 6.87 0.18
N GLY A 49 16.92 7.76 -0.69
CA GLY A 49 17.14 7.56 -2.10
C GLY A 49 16.60 6.21 -2.48
N GLU A 50 17.42 5.41 -3.18
CA GLU A 50 16.95 4.13 -3.69
C GLU A 50 17.32 2.96 -2.81
N ARG A 51 17.66 3.24 -1.55
CA ARG A 51 18.10 2.18 -0.61
C ARG A 51 17.17 2.11 0.59
N ILE A 52 17.12 0.94 1.21
CA ILE A 52 16.31 0.75 2.40
C ILE A 52 17.10 0.01 3.47
N ARG A 53 16.84 0.33 4.74
CA ARG A 53 17.43 -0.44 5.84
C ARG A 53 16.52 -0.40 7.04
N ILE A 54 16.80 -1.29 7.99
CA ILE A 54 16.32 -1.09 9.35
C ILE A 54 17.33 -0.19 10.03
N LYS A 55 16.91 1.05 10.31
CA LYS A 55 17.83 2.01 10.92
C LYS A 55 18.15 1.63 12.36
N GLU A 56 17.12 1.20 13.08
CA GLU A 56 17.28 0.92 14.49
C GLU A 56 16.13 0.05 14.92
N ASP A 57 16.39 -0.85 15.88
CA ASP A 57 15.32 -1.65 16.46
C ASP A 57 15.76 -2.17 17.81
N ASN A 58 14.80 -2.70 18.58
CA ASN A 58 15.14 -3.30 19.88
C ASN A 58 15.11 -4.82 19.86
N SER A 59 15.35 -5.38 18.69
CA SER A 59 15.45 -6.84 18.61
C SER A 59 16.62 -7.33 19.46
N PRO A 60 16.48 -8.55 20.00
CA PRO A 60 17.58 -9.07 20.81
C PRO A 60 18.83 -9.39 19.98
N ASP A 61 18.67 -9.70 18.70
CA ASP A 61 19.78 -10.24 17.90
C ASP A 61 20.43 -9.21 16.97
N GLN A 62 19.67 -8.16 16.64
CA GLN A 62 20.20 -7.10 15.76
C GLN A 62 20.67 -7.55 14.36
N VAL A 63 20.21 -8.72 13.92
CA VAL A 63 20.67 -9.27 12.65
C VAL A 63 20.23 -8.40 11.48
N GLY A 64 18.99 -7.94 11.51
CA GLY A 64 18.49 -7.14 10.40
C GLY A 64 19.17 -5.79 10.32
N VAL A 65 19.36 -5.16 11.47
CA VAL A 65 20.09 -3.89 11.53
C VAL A 65 21.52 -4.07 10.98
N LYS A 66 22.17 -5.18 11.33
CA LYS A 66 23.54 -5.40 10.90
C LYS A 66 23.66 -5.70 9.41
N MSE A 67 22.55 -6.15 8.80
CA MSE A 67 22.55 -6.34 7.36
C MSE A 67 22.67 -4.99 6.61
O MSE A 67 23.20 -4.95 5.49
CB MSE A 67 21.33 -7.12 6.91
CG MSE A 67 21.33 -8.54 7.42
SE MSE A 67 19.78 -9.53 6.85
CE MSE A 67 20.34 -11.30 7.35
N GLY A 68 22.23 -3.90 7.23
CA GLY A 68 22.43 -2.57 6.65
C GLY A 68 21.61 -2.29 5.42
N TRP A 69 22.12 -1.42 4.56
CA TRP A 69 21.39 -0.97 3.39
C TRP A 69 21.25 -2.01 2.30
N LYS A 70 20.07 -2.06 1.69
CA LYS A 70 19.80 -2.95 0.57
C LYS A 70 19.17 -2.18 -0.57
N SER A 71 19.40 -2.62 -1.80
CA SER A 71 18.90 -1.85 -2.94
C SER A 71 18.72 -2.67 -4.22
N LYS A 72 19.20 -3.90 -4.23
CA LYS A 72 19.20 -4.71 -5.43
C LYS A 72 18.15 -5.81 -5.44
N ALA A 73 17.66 -6.15 -6.63
CA ALA A 73 16.78 -7.31 -6.79
C ALA A 73 17.39 -8.53 -6.12
N GLY A 74 16.60 -9.19 -5.29
CA GLY A 74 17.04 -10.37 -4.59
C GLY A 74 17.54 -10.08 -3.18
N ASP A 75 17.82 -8.82 -2.88
CA ASP A 75 18.23 -8.44 -1.53
C ASP A 75 17.09 -8.65 -0.54
N THR A 76 17.44 -9.05 0.67
CA THR A 76 16.48 -9.16 1.76
C THR A 76 17.03 -8.61 3.04
N ILE A 77 16.13 -8.26 3.94
CA ILE A 77 16.47 -7.94 5.33
C ILE A 77 15.52 -8.71 6.20
N VAL A 78 16.03 -9.30 7.27
CA VAL A 78 15.11 -10.03 8.14
C VAL A 78 15.35 -9.66 9.60
N CYS A 79 14.26 -9.44 10.32
CA CYS A 79 14.32 -9.32 11.76
C CYS A 79 13.40 -10.40 12.28
N LEU A 80 13.98 -11.56 12.54
CA LEU A 80 13.17 -12.75 12.88
C LEU A 80 12.34 -12.59 14.17
N PRO A 81 12.94 -12.11 15.25
CA PRO A 81 12.16 -11.98 16.49
C PRO A 81 10.94 -11.08 16.34
N HIS A 82 11.02 -10.08 15.48
CA HIS A 82 9.87 -9.20 15.27
C HIS A 82 9.04 -9.58 14.05
N LYS A 83 9.46 -10.64 13.36
CA LYS A 83 8.73 -11.17 12.19
C LYS A 83 8.67 -10.17 11.04
N VAL A 84 9.71 -9.35 10.95
CA VAL A 84 9.75 -8.33 9.91
C VAL A 84 10.62 -8.80 8.78
N PHE A 85 10.14 -8.65 7.55
CA PHE A 85 10.90 -9.08 6.40
C PHE A 85 10.83 -8.00 5.32
N VAL A 86 11.97 -7.75 4.69
CA VAL A 86 12.02 -6.87 3.53
C VAL A 86 12.55 -7.67 2.36
N GLU A 87 11.85 -7.63 1.24
CA GLU A 87 12.31 -8.29 0.03
C GLU A 87 12.33 -7.25 -1.08
N ILE A 88 13.43 -7.16 -1.81
CA ILE A 88 13.50 -6.29 -2.97
C ILE A 88 13.32 -7.12 -4.24
N LYS A 89 12.32 -6.72 -5.04
CA LYS A 89 11.95 -7.47 -6.23
C LYS A 89 12.09 -6.59 -7.47
N SER A 90 12.54 -7.18 -8.57
CA SER A 90 12.53 -6.49 -9.84
C SER A 90 11.09 -6.44 -10.34
N THR A 91 10.71 -5.36 -11.01
CA THR A 91 9.39 -5.32 -11.63
C THR A 91 9.50 -5.67 -13.12
N ASP B 6 -31.97 -23.02 -8.41
CA ASP B 6 -31.13 -22.64 -7.28
C ASP B 6 -30.32 -21.37 -7.55
N GLU B 7 -30.83 -20.25 -7.05
CA GLU B 7 -30.13 -18.97 -7.13
C GLU B 7 -29.12 -18.91 -5.99
N VAL B 8 -27.92 -18.43 -6.28
CA VAL B 8 -26.91 -18.31 -5.22
C VAL B 8 -26.32 -16.91 -5.17
N VAL B 9 -25.81 -16.58 -3.99
CA VAL B 9 -25.22 -15.28 -3.72
CA VAL B 9 -25.22 -15.28 -3.73
C VAL B 9 -23.87 -15.46 -3.04
N ALA B 10 -22.91 -14.61 -3.38
CA ALA B 10 -21.61 -14.64 -2.71
C ALA B 10 -21.64 -13.65 -1.57
N ILE B 11 -21.47 -14.13 -0.35
CA ILE B 11 -21.40 -13.25 0.81
C ILE B 11 -19.92 -13.07 1.15
N ILE B 12 -19.46 -11.83 1.12
CA ILE B 12 -18.07 -11.53 1.42
C ILE B 12 -17.92 -10.81 2.76
N SER B 13 -17.07 -11.37 3.62
CA SER B 13 -16.82 -10.80 4.94
C SER B 13 -15.35 -10.44 5.11
N GLN B 14 -15.11 -9.43 5.94
CA GLN B 14 -13.76 -9.01 6.29
C GLN B 14 -13.73 -8.81 7.80
N ASN B 15 -12.82 -9.49 8.48
CA ASN B 15 -12.73 -9.47 9.94
C ASN B 15 -14.09 -9.78 10.58
N GLY B 16 -14.83 -10.70 9.99
CA GLY B 16 -16.11 -11.15 10.52
C GLY B 16 -17.31 -10.26 10.23
N LYS B 17 -17.11 -9.18 9.48
CA LYS B 17 -18.19 -8.27 9.10
C LYS B 17 -18.54 -8.45 7.63
N VAL B 18 -19.83 -8.64 7.31
CA VAL B 18 -20.22 -8.74 5.90
C VAL B 18 -19.99 -7.37 5.24
N ILE B 19 -19.27 -7.39 4.13
CA ILE B 19 -18.98 -6.14 3.41
C ILE B 19 -19.59 -6.09 2.01
N ARG B 20 -19.87 -7.25 1.43
CA ARG B 20 -20.53 -7.32 0.12
C ARG B 20 -21.45 -8.52 0.05
N GLU B 21 -22.57 -8.36 -0.65
CA GLU B 21 -23.43 -9.47 -1.03
C GLU B 21 -23.63 -9.39 -2.54
N ILE B 22 -23.17 -10.42 -3.27
CA ILE B 22 -23.16 -10.36 -4.72
C ILE B 22 -23.95 -11.51 -5.34
N PRO B 23 -25.12 -11.21 -5.94
CA PRO B 23 -25.87 -12.28 -6.57
C PRO B 23 -25.03 -12.84 -7.70
N LEU B 24 -24.85 -14.15 -7.75
CA LEU B 24 -24.09 -14.74 -8.84
C LEU B 24 -25.00 -15.18 -9.97
N THR B 25 -26.08 -15.87 -9.62
CA THR B 25 -26.99 -16.41 -10.61
C THR B 25 -27.55 -15.31 -11.50
N GLY B 26 -27.38 -15.48 -12.82
CA GLY B 26 -27.86 -14.51 -13.78
C GLY B 26 -26.93 -13.37 -14.11
N HIS B 27 -25.82 -13.25 -13.36
CA HIS B 27 -24.86 -12.19 -13.63
C HIS B 27 -24.09 -12.53 -14.90
N LYS B 28 -23.99 -11.58 -15.83
CA LYS B 28 -23.34 -11.85 -17.10
C LYS B 28 -22.04 -11.07 -17.29
N GLY B 29 -21.80 -10.07 -16.43
CA GLY B 29 -20.66 -9.19 -16.61
C GLY B 29 -19.39 -9.62 -15.92
N ASN B 30 -18.42 -8.71 -15.90
CA ASN B 30 -17.19 -8.92 -15.15
C ASN B 30 -16.99 -7.75 -14.21
N GLU B 31 -16.97 -8.04 -12.91
CA GLU B 31 -16.79 -7.02 -11.89
C GLU B 31 -15.52 -7.34 -11.13
N GLN B 32 -14.59 -6.39 -11.09
CA GLN B 32 -13.41 -6.51 -10.26
C GLN B 32 -13.39 -5.40 -9.23
N PHE B 33 -13.05 -5.75 -8.00
CA PHE B 33 -12.99 -4.78 -6.94
C PHE B 33 -11.96 -5.19 -5.94
N THR B 34 -11.41 -4.21 -5.24
CA THR B 34 -10.35 -4.47 -4.27
C THR B 34 -10.86 -4.38 -2.83
N ILE B 35 -10.61 -5.43 -2.05
CA ILE B 35 -10.86 -5.36 -0.62
C ILE B 35 -9.57 -4.92 0.04
N LYS B 36 -9.64 -3.79 0.75
CA LYS B 36 -8.44 -3.22 1.32
C LYS B 36 -8.36 -3.52 2.79
N GLY B 37 -7.22 -4.05 3.19
CA GLY B 37 -7.02 -4.38 4.58
C GLY B 37 -6.10 -3.39 5.23
N LYS B 38 -5.51 -3.82 6.34
CA LYS B 38 -4.55 -3.04 7.06
C LYS B 38 -3.27 -2.93 6.25
N GLY B 39 -2.49 -1.89 6.51
CA GLY B 39 -1.22 -1.78 5.83
C GLY B 39 -1.40 -1.70 4.31
N ALA B 40 -0.64 -2.52 3.60
CA ALA B 40 -0.76 -2.62 2.15
C ALA B 40 -1.55 -3.87 1.74
N GLN B 41 -2.18 -4.56 2.68
CA GLN B 41 -2.91 -5.80 2.37
C GLN B 41 -4.06 -5.52 1.44
N TYR B 42 -4.19 -6.33 0.40
CA TYR B 42 -5.35 -6.21 -0.46
C TYR B 42 -5.72 -7.57 -1.04
N ASN B 43 -6.96 -7.68 -1.52
CA ASN B 43 -7.38 -8.81 -2.32
C ASN B 43 -8.17 -8.26 -3.48
N LEU B 44 -7.75 -8.56 -4.69
CA LEU B 44 -8.47 -8.16 -5.88
C LEU B 44 -9.44 -9.26 -6.21
N MSE B 45 -10.73 -8.96 -6.05
CA MSE B 45 -11.80 -9.92 -6.31
C MSE B 45 -12.30 -9.81 -7.73
O MSE B 45 -12.28 -8.73 -8.30
CB MSE B 45 -12.97 -9.68 -5.36
CG MSE B 45 -12.57 -9.54 -3.88
SE MSE B 45 -11.69 -11.14 -3.23
CE MSE B 45 -13.13 -12.43 -3.67
N GLU B 46 -12.77 -10.92 -8.29
CA GLU B 46 -13.31 -10.91 -9.63
C GLU B 46 -14.54 -11.77 -9.68
N VAL B 47 -15.64 -11.16 -10.14
CA VAL B 47 -16.85 -11.88 -10.40
C VAL B 47 -17.00 -11.87 -11.90
N ASP B 48 -16.93 -13.06 -12.50
CA ASP B 48 -17.05 -13.17 -13.95
C ASP B 48 -18.23 -14.07 -14.25
N GLY B 49 -19.28 -13.52 -14.81
CA GLY B 49 -20.48 -14.31 -14.94
C GLY B 49 -20.94 -14.81 -13.57
N GLU B 50 -21.25 -16.10 -13.49
CA GLU B 50 -21.79 -16.67 -12.26
C GLU B 50 -20.74 -17.26 -11.33
N ARG B 51 -19.48 -16.85 -11.47
CA ARG B 51 -18.39 -17.41 -10.68
C ARG B 51 -17.64 -16.28 -10.00
N ILE B 52 -17.00 -16.57 -8.88
CA ILE B 52 -16.20 -15.56 -8.19
C ILE B 52 -14.86 -16.15 -7.78
N ARG B 53 -13.81 -15.32 -7.78
CA ARG B 53 -12.51 -15.77 -7.30
C ARG B 53 -11.75 -14.61 -6.70
N ILE B 54 -10.68 -14.91 -5.95
CA ILE B 54 -9.66 -13.90 -5.70
C ILE B 54 -8.73 -13.96 -6.92
N LYS B 55 -8.74 -12.92 -7.72
CA LYS B 55 -7.89 -12.91 -8.92
C LYS B 55 -6.40 -12.78 -8.55
N GLU B 56 -6.10 -11.90 -7.58
CA GLU B 56 -4.72 -11.60 -7.22
C GLU B 56 -4.75 -11.00 -5.83
N ASP B 57 -3.73 -11.31 -5.03
CA ASP B 57 -3.58 -10.62 -3.76
C ASP B 57 -2.13 -10.70 -3.32
N ASN B 58 -1.81 -9.95 -2.28
CA ASN B 58 -0.46 -9.99 -1.72
C ASN B 58 -0.35 -10.76 -0.41
N SER B 59 -1.28 -11.68 -0.21
CA SER B 59 -1.21 -12.55 0.96
C SER B 59 0.08 -13.37 0.87
N PRO B 60 0.63 -13.72 2.03
CA PRO B 60 1.87 -14.48 2.00
C PRO B 60 1.64 -15.92 1.54
N ASP B 61 0.43 -16.46 1.74
CA ASP B 61 0.18 -17.88 1.52
C ASP B 61 -0.52 -18.21 0.20
N GLN B 62 -1.17 -17.21 -0.40
CA GLN B 62 -1.89 -17.43 -1.66
C GLN B 62 -2.92 -18.56 -1.62
N VAL B 63 -3.39 -18.93 -0.43
CA VAL B 63 -4.33 -20.05 -0.33
C VAL B 63 -5.67 -19.73 -1.02
N GLY B 64 -6.20 -18.53 -0.79
CA GLY B 64 -7.45 -18.18 -1.41
C GLY B 64 -7.34 -18.08 -2.92
N VAL B 65 -6.26 -17.47 -3.40
CA VAL B 65 -6.04 -17.38 -4.84
C VAL B 65 -5.99 -18.78 -5.45
N LYS B 66 -5.27 -19.68 -4.79
CA LYS B 66 -5.11 -21.04 -5.31
C LYS B 66 -6.41 -21.84 -5.34
N MSE B 67 -7.37 -21.45 -4.52
CA MSE B 67 -8.67 -22.10 -4.55
C MSE B 67 -9.42 -21.84 -5.87
O MSE B 67 -10.26 -22.63 -6.28
CB MSE B 67 -9.52 -21.67 -3.35
CG MSE B 67 -9.00 -22.23 -2.04
SE MSE B 67 -10.07 -21.69 -0.51
CE MSE B 67 -9.21 -22.74 0.84
N GLY B 68 -9.11 -20.72 -6.51
CA GLY B 68 -9.68 -20.40 -7.82
C GLY B 68 -11.16 -20.08 -7.80
N TRP B 69 -11.84 -20.37 -8.92
CA TRP B 69 -13.23 -20.00 -9.10
C TRP B 69 -14.18 -20.82 -8.24
N LYS B 70 -15.17 -20.16 -7.66
CA LYS B 70 -16.24 -20.83 -6.92
C LYS B 70 -17.59 -20.36 -7.45
N SER B 71 -18.58 -21.23 -7.39
CA SER B 71 -19.89 -20.93 -7.97
C SER B 71 -21.07 -21.66 -7.34
N LYS B 72 -20.82 -22.69 -6.54
CA LYS B 72 -21.90 -23.51 -6.01
C LYS B 72 -22.21 -23.22 -4.54
N ALA B 73 -23.47 -23.41 -4.17
CA ALA B 73 -23.87 -23.30 -2.77
C ALA B 73 -22.98 -24.16 -1.88
N GLY B 74 -22.47 -23.56 -0.81
CA GLY B 74 -21.58 -24.26 0.11
C GLY B 74 -20.12 -24.01 -0.17
N ASP B 75 -19.82 -23.49 -1.37
CA ASP B 75 -18.43 -23.18 -1.70
C ASP B 75 -17.94 -22.04 -0.82
N THR B 76 -16.66 -22.05 -0.50
CA THR B 76 -16.05 -20.96 0.24
C THR B 76 -14.69 -20.61 -0.35
N ILE B 77 -14.26 -19.38 -0.07
CA ILE B 77 -12.87 -18.97 -0.33
C ILE B 77 -12.38 -18.30 0.95
N VAL B 78 -11.16 -18.58 1.36
CA VAL B 78 -10.65 -17.91 2.55
C VAL B 78 -9.28 -17.32 2.29
N CYS B 79 -9.07 -16.11 2.77
CA CYS B 79 -7.73 -15.54 2.85
C CYS B 79 -7.51 -15.19 4.31
N LEU B 80 -6.90 -16.11 5.04
CA LEU B 80 -6.83 -15.99 6.48
C LEU B 80 -5.97 -14.78 6.93
N PRO B 81 -4.79 -14.59 6.30
CA PRO B 81 -3.96 -13.44 6.68
C PRO B 81 -4.68 -12.10 6.58
N HIS B 82 -5.58 -11.98 5.61
CA HIS B 82 -6.29 -10.72 5.40
C HIS B 82 -7.68 -10.73 6.00
N LYS B 83 -8.02 -11.81 6.70
CA LYS B 83 -9.30 -11.98 7.37
C LYS B 83 -10.48 -11.87 6.41
N VAL B 84 -10.31 -12.34 5.18
CA VAL B 84 -11.38 -12.30 4.19
C VAL B 84 -11.98 -13.68 4.00
N PHE B 85 -13.32 -13.73 3.97
CA PHE B 85 -14.02 -14.99 3.85
C PHE B 85 -15.15 -14.81 2.87
N VAL B 86 -15.23 -15.70 1.89
CA VAL B 86 -16.32 -15.69 0.93
C VAL B 86 -17.13 -16.96 1.11
N GLU B 87 -18.45 -16.83 1.22
CA GLU B 87 -19.30 -18.00 1.30
C GLU B 87 -20.41 -17.86 0.27
N ILE B 88 -20.60 -18.89 -0.55
CA ILE B 88 -21.68 -18.89 -1.53
C ILE B 88 -22.88 -19.58 -0.91
N LYS B 89 -24.02 -18.88 -0.91
CA LYS B 89 -25.21 -19.38 -0.26
C LYS B 89 -26.37 -19.46 -1.23
N SER B 90 -27.20 -20.49 -1.06
CA SER B 90 -28.42 -20.64 -1.84
C SER B 90 -29.51 -19.83 -1.16
N THR B 91 -30.20 -18.98 -1.93
CA THR B 91 -31.27 -18.16 -1.38
C THR B 91 -32.48 -19.00 -0.96
N GLN B 92 -32.43 -20.30 -1.24
CA GLN B 92 -33.51 -21.23 -0.87
C GLN B 92 -33.96 -21.03 0.58
N ASP C 6 0.74 3.98 -17.66
CA ASP C 6 1.78 4.97 -17.37
C ASP C 6 2.49 4.66 -16.06
N GLU C 7 3.72 5.14 -15.94
CA GLU C 7 4.46 5.09 -14.69
C GLU C 7 4.81 6.52 -14.31
N VAL C 8 4.45 6.90 -13.08
CA VAL C 8 4.59 8.30 -12.68
C VAL C 8 5.31 8.49 -11.34
N VAL C 9 5.84 9.69 -11.16
CA VAL C 9 6.55 10.10 -9.95
C VAL C 9 5.94 11.42 -9.43
N ALA C 10 5.74 11.51 -8.12
CA ALA C 10 5.29 12.76 -7.51
C ALA C 10 6.50 13.53 -7.00
N ILE C 11 6.63 14.78 -7.43
CA ILE C 11 7.72 15.63 -6.95
C ILE C 11 7.11 16.65 -6.02
N ILE C 12 7.55 16.63 -4.77
CA ILE C 12 7.00 17.50 -3.75
C ILE C 12 8.05 18.48 -3.32
N SER C 13 7.75 19.76 -3.45
CA SER C 13 8.73 20.81 -3.14
C SER C 13 8.17 21.89 -2.21
N GLN C 14 9.09 22.61 -1.58
CA GLN C 14 8.77 23.75 -0.71
C GLN C 14 9.70 24.87 -1.12
N ASN C 15 9.10 25.97 -1.57
CA ASN C 15 9.82 27.09 -2.16
C ASN C 15 10.76 26.63 -3.28
N GLY C 16 10.27 25.66 -4.05
CA GLY C 16 10.98 25.10 -5.20
C GLY C 16 12.05 24.08 -4.88
N LYS C 17 12.38 23.95 -3.60
CA LYS C 17 13.37 22.97 -3.19
C LYS C 17 12.70 21.63 -2.97
N VAL C 18 13.21 20.60 -3.62
CA VAL C 18 12.54 19.28 -3.57
C VAL C 18 12.71 18.60 -2.22
N ILE C 19 11.58 18.17 -1.64
CA ILE C 19 11.57 17.49 -0.37
CA ILE C 19 11.56 17.49 -0.36
C ILE C 19 11.55 15.99 -0.58
N ARG C 20 10.70 15.53 -1.49
CA ARG C 20 10.66 14.10 -1.85
C ARG C 20 10.39 13.96 -3.33
N GLU C 21 10.95 12.93 -3.95
CA GLU C 21 10.47 12.47 -5.23
C GLU C 21 9.99 11.05 -5.00
N ILE C 22 8.69 10.82 -5.21
CA ILE C 22 8.04 9.56 -4.81
C ILE C 22 7.44 8.84 -6.02
N PRO C 23 8.08 7.76 -6.44
CA PRO C 23 7.48 6.94 -7.50
C PRO C 23 6.16 6.35 -7.00
N LEU C 24 5.05 6.64 -7.68
CA LEU C 24 3.76 6.23 -7.19
C LEU C 24 3.32 4.89 -7.73
N THR C 25 3.78 4.55 -8.91
CA THR C 25 3.29 3.37 -9.59
C THR C 25 3.89 2.14 -8.96
N GLY C 26 3.02 1.30 -8.41
CA GLY C 26 3.47 0.15 -7.63
C GLY C 26 3.50 0.43 -6.14
N HIS C 27 3.27 1.69 -5.74
CA HIS C 27 3.25 1.98 -4.30
C HIS C 27 1.99 1.42 -3.63
N LYS C 28 2.17 0.73 -2.51
CA LYS C 28 1.02 0.24 -1.75
C LYS C 28 1.19 0.53 -0.29
N GLY C 29 0.08 0.81 0.40
CA GLY C 29 0.12 1.16 1.80
C GLY C 29 0.02 2.67 1.97
N ASN C 30 0.25 3.13 3.19
CA ASN C 30 0.05 4.54 3.54
C ASN C 30 1.30 5.14 4.12
N GLU C 31 1.64 6.34 3.66
CA GLU C 31 2.74 7.09 4.21
C GLU C 31 2.32 8.54 4.44
N GLN C 32 2.69 9.11 5.57
CA GLN C 32 2.43 10.50 5.85
C GLN C 32 3.70 11.18 6.29
N PHE C 33 3.91 12.39 5.81
CA PHE C 33 5.05 13.17 6.24
C PHE C 33 4.65 14.63 6.32
N THR C 34 5.28 15.37 7.22
CA THR C 34 4.94 16.77 7.41
C THR C 34 6.01 17.69 6.86
N ILE C 35 5.59 18.70 6.11
CA ILE C 35 6.47 19.77 5.65
C ILE C 35 6.24 20.97 6.53
N LYS C 36 7.28 21.43 7.22
CA LYS C 36 7.13 22.59 8.10
C LYS C 36 7.77 23.85 7.52
N GLY C 37 7.07 24.97 7.68
CA GLY C 37 7.63 26.27 7.34
C GLY C 37 8.53 26.76 8.46
N LYS C 38 8.90 28.02 8.43
CA LYS C 38 9.76 28.60 9.47
C LYS C 38 8.95 29.11 10.67
N GLY C 39 7.64 29.33 10.46
CA GLY C 39 6.74 29.74 11.52
C GLY C 39 5.86 28.61 12.02
N ALA C 40 4.54 28.83 12.02
CA ALA C 40 3.60 27.78 12.41
C ALA C 40 3.06 27.03 11.18
N GLN C 41 3.57 27.35 9.99
CA GLN C 41 3.03 26.76 8.78
C GLN C 41 3.33 25.27 8.72
N TYR C 42 2.33 24.47 8.37
CA TYR C 42 2.61 23.08 8.07
C TYR C 42 1.68 22.53 7.01
N ASN C 43 2.12 21.45 6.37
CA ASN C 43 1.31 20.68 5.45
C ASN C 43 1.59 19.23 5.73
N LEU C 44 0.54 18.51 6.11
CA LEU C 44 0.63 17.06 6.28
C LEU C 44 0.35 16.37 4.94
N MSE C 45 1.39 15.77 4.36
CA MSE C 45 1.26 15.07 3.09
C MSE C 45 0.91 13.62 3.31
O MSE C 45 1.33 13.01 4.28
CB MSE C 45 2.59 15.16 2.31
CG MSE C 45 3.18 16.60 2.26
SE MSE C 45 1.96 17.90 1.45
CE MSE C 45 1.72 16.91 -0.25
N GLU C 46 0.15 13.05 2.37
CA GLU C 46 -0.22 11.66 2.45
C GLU C 46 -0.17 10.98 1.10
N VAL C 47 0.47 9.82 1.08
CA VAL C 47 0.45 8.97 -0.08
C VAL C 47 -0.27 7.72 0.36
N ASP C 48 -1.31 7.36 -0.38
CA ASP C 48 -2.04 6.13 -0.09
C ASP C 48 -2.19 5.40 -1.40
N GLY C 49 -1.64 4.19 -1.49
CA GLY C 49 -1.61 3.52 -2.77
C GLY C 49 -0.84 4.37 -3.77
N GLU C 50 -1.42 4.56 -4.95
CA GLU C 50 -0.72 5.30 -6.00
C GLU C 50 -1.19 6.75 -6.08
N ARG C 51 -1.79 7.26 -5.00
CA ARG C 51 -2.31 8.62 -4.99
C ARG C 51 -1.71 9.47 -3.88
N ILE C 52 -1.70 10.79 -4.08
CA ILE C 52 -1.12 11.70 -3.11
C ILE C 52 -2.06 12.88 -2.88
N ARG C 53 -2.06 13.40 -1.65
CA ARG C 53 -2.85 14.59 -1.35
C ARG C 53 -2.18 15.37 -0.25
N ILE C 54 -2.61 16.63 -0.07
CA ILE C 54 -2.37 17.27 1.21
C ILE C 54 -3.52 16.80 2.11
N LYS C 55 -3.19 16.01 3.13
CA LYS C 55 -4.24 15.49 4.01
C LYS C 55 -4.87 16.63 4.81
N GLU C 56 -4.01 17.51 5.32
CA GLU C 56 -4.47 18.66 6.08
C GLU C 56 -3.37 19.68 6.19
N ASP C 57 -3.75 20.95 6.32
CA ASP C 57 -2.78 22.00 6.57
C ASP C 57 -3.46 23.21 7.22
N ASN C 58 -2.67 24.19 7.63
CA ASN C 58 -3.22 25.37 8.26
C ASN C 58 -3.14 26.59 7.36
N SER C 59 -3.16 26.36 6.05
CA SER C 59 -3.19 27.47 5.10
C SER C 59 -4.52 28.20 5.24
N PRO C 60 -4.52 29.51 4.99
CA PRO C 60 -5.77 30.25 5.18
C PRO C 60 -6.83 29.92 4.15
N ASP C 61 -6.42 29.53 2.95
CA ASP C 61 -7.35 29.36 1.84
C ASP C 61 -7.76 27.90 1.58
N GLN C 62 -6.94 26.94 2.06
CA GLN C 62 -7.20 25.51 1.88
C GLN C 62 -7.35 25.09 0.42
N VAL C 63 -6.77 25.85 -0.49
CA VAL C 63 -6.88 25.55 -1.92
C VAL C 63 -6.24 24.21 -2.28
N GLY C 64 -5.04 23.95 -1.76
CA GLY C 64 -4.36 22.69 -2.01
C GLY C 64 -5.11 21.52 -1.40
N VAL C 65 -5.57 21.68 -0.16
CA VAL C 65 -6.39 20.63 0.42
C VAL C 65 -7.66 20.32 -0.41
N LYS C 66 -8.30 21.35 -0.93
CA LYS C 66 -9.54 21.16 -1.68
C LYS C 66 -9.32 20.49 -3.04
N MSE C 67 -8.09 20.51 -3.55
CA MSE C 67 -7.77 19.82 -4.79
C MSE C 67 -7.82 18.31 -4.62
O MSE C 67 -8.00 17.56 -5.59
CB MSE C 67 -6.41 20.26 -5.33
CG MSE C 67 -6.39 21.73 -5.68
SE MSE C 67 -4.71 22.30 -6.45
CE MSE C 67 -5.27 24.09 -6.88
N GLY C 68 -7.64 17.85 -3.38
CA GLY C 68 -7.80 16.44 -3.07
C GLY C 68 -6.71 15.53 -3.61
N TRP C 69 -7.10 14.30 -3.92
CA TRP C 69 -6.16 13.27 -4.34
C TRP C 69 -5.75 13.42 -5.80
N LYS C 70 -4.46 13.19 -6.09
CA LYS C 70 -3.94 13.23 -7.46
C LYS C 70 -3.17 11.98 -7.75
N SER C 71 -3.07 11.63 -9.03
CA SER C 71 -2.41 10.39 -9.38
C SER C 71 -1.91 10.31 -10.81
N LYS C 72 -2.30 11.26 -11.67
CA LYS C 72 -2.00 11.14 -13.09
C LYS C 72 -0.95 12.14 -13.56
N ALA C 73 -0.17 11.77 -14.57
CA ALA C 73 0.80 12.68 -15.15
C ALA C 73 0.12 13.99 -15.50
N GLY C 74 0.72 15.09 -15.04
CA GLY C 74 0.21 16.41 -15.32
C GLY C 74 -0.61 16.98 -14.18
N ASP C 75 -0.99 16.12 -13.24
CA ASP C 75 -1.70 16.60 -12.05
C ASP C 75 -0.77 17.43 -11.19
N THR C 76 -1.33 18.45 -10.55
CA THR C 76 -0.57 19.26 -9.61
C THR C 76 -1.41 19.56 -8.38
N ILE C 77 -0.72 19.82 -7.26
CA ILE C 77 -1.36 20.36 -6.07
C ILE C 77 -0.54 21.57 -5.67
N VAL C 78 -1.21 22.65 -5.31
CA VAL C 78 -0.48 23.82 -4.86
C VAL C 78 -1.05 24.41 -3.59
N CYS C 79 -0.15 24.71 -2.66
CA CYS C 79 -0.50 25.49 -1.46
C CYS C 79 0.36 26.73 -1.51
N LEU C 80 -0.19 27.78 -2.11
CA LEU C 80 0.60 28.97 -2.41
C LEU C 80 1.15 29.65 -1.14
N PRO C 81 0.29 29.85 -0.12
CA PRO C 81 0.75 30.51 1.10
C PRO C 81 1.95 29.82 1.75
N HIS C 82 2.05 28.50 1.61
CA HIS C 82 3.19 27.78 2.21
C HIS C 82 4.29 27.42 1.22
N LYS C 83 4.11 27.88 -0.02
CA LYS C 83 5.05 27.61 -1.10
C LYS C 83 5.26 26.11 -1.36
N VAL C 84 4.22 25.33 -1.13
CA VAL C 84 4.30 23.89 -1.34
C VAL C 84 3.70 23.52 -2.70
N PHE C 85 4.40 22.68 -3.45
CA PHE C 85 3.96 22.30 -4.78
C PHE C 85 4.17 20.80 -4.95
N VAL C 86 3.16 20.14 -5.51
CA VAL C 86 3.29 18.74 -5.93
C VAL C 86 3.05 18.68 -7.44
N GLU C 87 3.93 18.01 -8.16
CA GLU C 87 3.76 17.78 -9.59
C GLU C 87 3.88 16.31 -9.85
N ILE C 88 2.94 15.73 -10.59
CA ILE C 88 3.05 14.33 -10.99
C ILE C 88 3.56 14.25 -12.42
N LYS C 89 4.66 13.51 -12.62
CA LYS C 89 5.30 13.45 -13.93
C LYS C 89 5.44 12.01 -14.41
N SER C 90 5.33 11.80 -15.72
CA SER C 90 5.56 10.47 -16.27
C SER C 90 7.04 10.20 -16.35
N THR C 91 7.45 8.97 -16.09
CA THR C 91 8.86 8.63 -16.20
C THR C 91 9.12 7.85 -17.49
N GLN C 92 8.06 7.50 -18.20
CA GLN C 92 8.22 6.77 -19.46
C GLN C 92 8.63 7.70 -20.61
#